data_3A1Q
#
_entry.id   3A1Q
#
_cell.length_a   65.235
_cell.length_b   74.810
_cell.length_c   83.031
_cell.angle_alpha   90.00
_cell.angle_beta   90.00
_cell.angle_gamma   90.00
#
_symmetry.space_group_name_H-M   'P 21 21 21'
#
loop_
_entity.id
_entity.type
_entity.pdbx_description
1 polymer Ubiquitin
2 polymer Ubiquitin
3 polymer 'Ubiquitin interaction motif-containing protein 1'
4 water water
#
loop_
_entity_poly.entity_id
_entity_poly.type
_entity_poly.pdbx_seq_one_letter_code
_entity_poly.pdbx_strand_id
1 'polypeptide(L)' MQIFVKTLTGKTITLEVEPSDTIENVKAKIQDKEGIPPDQQRLIFAGKQLEDGRTLSDYNIQKESTLHLVLRLRGGD A,D
2 'polypeptide(L)' MQIFVKTLTGKTITLEVEPSDTIENVKAKIQDKEGIPPDQQRLIFAGKQLEDGRTLSDYNIQRESTLHLVLRLRGG B,E
3 'polypeptide(L)' GPLGSEEEQFALALKMSEQEAREVNNQEEKEEELLRKAIAESLNS C,F
#
# COMPACT_ATOMS: atom_id res chain seq x y z
N MET A 1 5.85 -17.81 3.89
CA MET A 1 5.26 -16.63 4.58
C MET A 1 6.32 -15.54 4.79
N GLN A 2 5.92 -14.28 4.69
CA GLN A 2 6.87 -13.20 4.87
C GLN A 2 6.63 -12.43 6.18
N ILE A 3 7.72 -12.15 6.89
CA ILE A 3 7.65 -11.39 8.12
C ILE A 3 8.80 -10.41 8.10
N PHE A 4 8.81 -9.49 9.05
CA PHE A 4 9.87 -8.49 9.12
C PHE A 4 10.48 -8.46 10.50
N VAL A 5 11.73 -7.99 10.56
CA VAL A 5 12.45 -7.86 11.81
C VAL A 5 13.07 -6.48 11.85
N LYS A 6 12.53 -5.61 12.70
CA LYS A 6 13.07 -4.26 12.82
C LYS A 6 14.25 -4.23 13.78
N THR A 7 15.33 -3.57 13.38
CA THR A 7 16.50 -3.47 14.23
C THR A 7 16.60 -2.07 14.82
N LEU A 8 17.56 -1.87 15.71
CA LEU A 8 17.74 -0.60 16.40
C LEU A 8 18.01 0.61 15.48
N THR A 9 18.77 0.43 14.41
CA THR A 9 19.05 1.54 13.51
C THR A 9 17.85 1.91 12.65
N GLY A 10 16.82 1.07 12.65
CA GLY A 10 15.65 1.35 11.84
C GLY A 10 15.67 0.47 10.60
N LYS A 11 16.81 -0.17 10.38
CA LYS A 11 17.01 -1.07 9.24
C LYS A 11 16.08 -2.26 9.41
N THR A 12 15.29 -2.58 8.39
CA THR A 12 14.36 -3.70 8.46
C THR A 12 14.76 -4.90 7.63
N ILE A 13 14.73 -6.07 8.24
CA ILE A 13 15.08 -7.31 7.58
C ILE A 13 13.80 -8.05 7.22
N THR A 14 13.76 -8.66 6.04
CA THR A 14 12.57 -9.39 5.64
C THR A 14 12.92 -10.87 5.59
N LEU A 15 12.05 -11.70 6.15
CA LEU A 15 12.31 -13.14 6.17
C LEU A 15 11.15 -13.93 5.59
N GLU A 16 11.48 -15.03 4.91
CA GLU A 16 10.48 -15.93 4.35
C GLU A 16 10.46 -17.08 5.33
N VAL A 17 9.33 -17.28 6.00
CA VAL A 17 9.23 -18.34 6.98
C VAL A 17 7.95 -19.15 6.84
N GLU A 18 7.81 -20.15 7.70
CA GLU A 18 6.62 -21.00 7.73
C GLU A 18 6.08 -20.91 9.16
N PRO A 19 4.75 -20.90 9.32
CA PRO A 19 4.10 -20.82 10.64
C PRO A 19 4.56 -21.90 11.62
N SER A 20 5.21 -22.94 11.10
CA SER A 20 5.70 -24.02 11.92
C SER A 20 7.15 -23.80 12.33
N ASP A 21 7.76 -22.73 11.83
CA ASP A 21 9.14 -22.43 12.19
C ASP A 21 9.18 -22.01 13.66
N THR A 22 10.22 -22.45 14.37
CA THR A 22 10.41 -22.12 15.77
C THR A 22 11.20 -20.81 15.86
N ILE A 23 11.18 -20.18 17.03
CA ILE A 23 11.91 -18.93 17.23
C ILE A 23 13.41 -19.16 17.04
N GLU A 24 13.90 -20.32 17.47
CA GLU A 24 15.32 -20.60 17.30
C GLU A 24 15.64 -20.69 15.80
N ASN A 25 14.66 -21.15 15.01
CA ASN A 25 14.82 -21.25 13.56
C ASN A 25 14.96 -19.82 13.01
N VAL A 26 14.09 -18.95 13.49
CA VAL A 26 14.10 -17.56 13.07
C VAL A 26 15.40 -16.89 13.46
N LYS A 27 15.93 -17.21 14.64
CA LYS A 27 17.19 -16.64 15.07
C LYS A 27 18.33 -17.21 14.19
N ALA A 28 18.12 -18.44 13.71
CA ALA A 28 19.08 -19.10 12.84
C ALA A 28 19.12 -18.33 11.52
N LYS A 29 17.93 -17.94 11.03
CA LYS A 29 17.83 -17.18 9.79
C LYS A 29 18.46 -15.81 9.94
N ILE A 30 18.18 -15.13 11.04
CA ILE A 30 18.75 -13.82 11.27
C ILE A 30 20.28 -13.90 11.34
N GLN A 31 20.79 -14.96 11.94
CA GLN A 31 22.23 -15.13 12.03
C GLN A 31 22.83 -15.34 10.63
N ASP A 32 22.18 -16.18 9.84
CA ASP A 32 22.64 -16.49 8.49
C ASP A 32 22.63 -15.27 7.58
N LYS A 33 21.73 -14.35 7.87
CA LYS A 33 21.58 -13.14 7.07
C LYS A 33 22.36 -11.94 7.61
N GLU A 34 22.38 -11.78 8.94
CA GLU A 34 23.07 -10.65 9.55
C GLU A 34 24.37 -10.98 10.27
N GLY A 35 24.65 -12.27 10.45
CA GLY A 35 25.87 -12.66 11.11
C GLY A 35 25.85 -12.49 12.62
N ILE A 36 24.67 -12.29 13.20
CA ILE A 36 24.54 -12.11 14.65
C ILE A 36 24.23 -13.44 15.33
N PRO A 37 25.07 -13.85 16.30
CA PRO A 37 24.85 -15.11 17.02
C PRO A 37 23.51 -15.10 17.75
N PRO A 38 22.79 -16.24 17.72
CA PRO A 38 21.49 -16.37 18.36
C PRO A 38 21.53 -16.01 19.85
N ASP A 39 22.72 -16.14 20.45
CA ASP A 39 22.96 -15.86 21.86
C ASP A 39 22.74 -14.39 22.17
N GLN A 40 22.98 -13.55 21.16
CA GLN A 40 22.86 -12.11 21.31
C GLN A 40 21.53 -11.55 20.84
N GLN A 41 20.66 -12.41 20.34
CA GLN A 41 19.39 -11.96 19.84
C GLN A 41 18.21 -12.07 20.77
N ARG A 42 17.49 -10.98 20.97
CA ARG A 42 16.27 -10.97 21.78
C ARG A 42 15.17 -10.60 20.81
N LEU A 43 14.18 -11.47 20.65
CA LEU A 43 13.09 -11.16 19.74
C LEU A 43 11.84 -10.85 20.54
N ILE A 44 11.27 -9.70 20.27
CA ILE A 44 10.09 -9.23 20.96
C ILE A 44 8.94 -9.13 19.96
N PHE A 45 7.74 -9.52 20.41
CA PHE A 45 6.51 -9.45 19.62
C PHE A 45 5.35 -9.39 20.62
N ALA A 46 4.40 -8.49 20.35
CA ALA A 46 3.23 -8.31 21.21
C ALA A 46 3.52 -8.09 22.70
N GLY A 47 4.45 -7.17 22.99
CA GLY A 47 4.77 -6.84 24.37
C GLY A 47 5.56 -7.82 25.20
N LYS A 48 6.23 -8.77 24.55
CA LYS A 48 7.02 -9.75 25.30
C LYS A 48 8.14 -10.33 24.45
N GLN A 49 9.13 -10.92 25.10
CA GLN A 49 10.24 -11.55 24.38
C GLN A 49 9.76 -12.96 24.02
N LEU A 50 10.10 -13.41 22.83
CA LEU A 50 9.69 -14.73 22.37
C LEU A 50 10.71 -15.80 22.77
N GLU A 51 10.21 -16.99 23.07
CA GLU A 51 11.07 -18.11 23.48
C GLU A 51 11.43 -19.05 22.35
N ASP A 52 12.71 -19.42 22.32
CA ASP A 52 13.28 -20.30 21.30
C ASP A 52 12.51 -21.56 20.93
N GLY A 53 11.99 -22.26 21.92
CA GLY A 53 11.28 -23.51 21.66
C GLY A 53 9.86 -23.46 21.12
N ARG A 54 9.31 -22.27 20.87
CA ARG A 54 7.94 -22.19 20.38
C ARG A 54 7.88 -21.80 18.91
N THR A 55 6.72 -22.02 18.27
CA THR A 55 6.58 -21.69 16.85
C THR A 55 5.95 -20.32 16.64
N LEU A 56 5.97 -19.86 15.39
CA LEU A 56 5.38 -18.57 15.06
C LEU A 56 3.87 -18.70 15.25
N SER A 57 3.36 -19.91 15.02
CA SER A 57 1.94 -20.21 15.17
C SER A 57 1.50 -20.05 16.62
N ASP A 58 2.37 -20.43 17.54
CA ASP A 58 2.07 -20.33 18.97
C ASP A 58 1.96 -18.88 19.43
N TYR A 59 2.56 -17.96 18.68
CA TYR A 59 2.50 -16.55 19.01
C TYR A 59 1.57 -15.81 18.06
N ASN A 60 0.87 -16.56 17.22
CA ASN A 60 -0.05 -15.99 16.25
C ASN A 60 0.65 -14.93 15.41
N ILE A 61 1.90 -15.20 15.06
CA ILE A 61 2.67 -14.30 14.23
C ILE A 61 2.30 -14.64 12.79
N GLN A 62 1.54 -13.75 12.16
CA GLN A 62 1.06 -13.95 10.80
C GLN A 62 1.93 -13.29 9.74
N LYS A 63 1.48 -13.41 8.50
CA LYS A 63 2.17 -12.83 7.35
C LYS A 63 2.27 -11.31 7.58
N GLU A 64 3.39 -10.73 7.18
CA GLU A 64 3.61 -9.31 7.32
C GLU A 64 3.83 -8.82 8.75
N SER A 65 3.77 -9.73 9.72
CA SER A 65 3.99 -9.37 11.14
C SER A 65 5.38 -8.75 11.31
N THR A 66 5.52 -7.82 12.23
CA THR A 66 6.83 -7.21 12.47
C THR A 66 7.37 -7.62 13.83
N LEU A 67 8.56 -8.19 13.82
CA LEU A 67 9.23 -8.63 15.04
C LEU A 67 10.30 -7.61 15.39
N HIS A 68 10.53 -7.41 16.67
CA HIS A 68 11.54 -6.45 17.09
C HIS A 68 12.75 -7.18 17.61
N LEU A 69 13.90 -6.82 17.07
CA LEU A 69 15.14 -7.44 17.48
C LEU A 69 15.98 -6.45 18.27
N VAL A 70 16.35 -6.84 19.50
CA VAL A 70 17.21 -6.03 20.34
C VAL A 70 18.35 -6.97 20.71
N LEU A 71 19.54 -6.43 20.94
CA LEU A 71 20.72 -7.24 21.24
C LEU A 71 21.17 -7.35 22.69
N ARG A 72 21.75 -8.50 23.01
CA ARG A 72 22.27 -8.79 24.34
C ARG A 72 23.77 -8.98 24.14
N LEU A 73 24.48 -9.45 25.16
CA LEU A 73 25.92 -9.66 25.04
C LEU A 73 26.30 -11.11 24.73
N MET B 1 -31.81 -10.67 -14.02
CA MET B 1 -32.59 -10.41 -12.78
C MET B 1 -31.86 -9.41 -11.91
N GLN B 2 -32.61 -8.70 -11.07
CA GLN B 2 -31.96 -7.74 -10.20
C GLN B 2 -31.96 -8.18 -8.74
N ILE B 3 -30.89 -7.82 -8.04
CA ILE B 3 -30.78 -8.09 -6.61
C ILE B 3 -30.31 -6.79 -5.98
N PHE B 4 -30.36 -6.73 -4.66
CA PHE B 4 -29.97 -5.53 -3.93
C PHE B 4 -28.84 -5.85 -2.98
N VAL B 5 -28.00 -4.85 -2.73
CA VAL B 5 -26.89 -4.98 -1.81
C VAL B 5 -27.02 -3.88 -0.78
N LYS B 6 -27.03 -4.26 0.50
CA LYS B 6 -27.20 -3.31 1.58
C LYS B 6 -25.94 -3.10 2.40
N THR B 7 -25.62 -1.84 2.70
CA THR B 7 -24.47 -1.55 3.54
C THR B 7 -25.03 -1.21 4.92
N LEU B 8 -24.17 -1.21 5.93
CA LEU B 8 -24.62 -0.89 7.28
C LEU B 8 -24.87 0.62 7.42
N THR B 9 -24.33 1.40 6.48
CA THR B 9 -24.52 2.85 6.50
C THR B 9 -25.93 3.22 6.03
N GLY B 10 -26.71 2.20 5.70
CA GLY B 10 -28.07 2.43 5.25
C GLY B 10 -28.27 2.66 3.76
N LYS B 11 -27.27 2.35 2.96
CA LYS B 11 -27.42 2.55 1.51
C LYS B 11 -27.80 1.25 0.80
N THR B 12 -28.76 1.36 -0.12
CA THR B 12 -29.21 0.21 -0.89
C THR B 12 -28.78 0.38 -2.33
N ILE B 13 -28.03 -0.60 -2.83
CA ILE B 13 -27.55 -0.58 -4.19
C ILE B 13 -28.23 -1.69 -4.97
N THR B 14 -28.45 -1.46 -6.26
CA THR B 14 -29.10 -2.46 -7.08
C THR B 14 -28.08 -3.05 -8.06
N LEU B 15 -28.32 -4.30 -8.48
CA LEU B 15 -27.44 -4.97 -9.42
C LEU B 15 -28.23 -5.86 -10.38
N GLU B 16 -27.79 -5.88 -11.63
CA GLU B 16 -28.43 -6.73 -12.63
C GLU B 16 -27.49 -7.91 -12.71
N VAL B 17 -27.99 -9.11 -12.40
CA VAL B 17 -27.18 -10.31 -12.44
C VAL B 17 -27.90 -11.52 -13.05
N GLU B 18 -27.16 -12.59 -13.27
CA GLU B 18 -27.70 -13.83 -13.82
C GLU B 18 -27.49 -14.91 -12.78
N PRO B 19 -28.40 -15.90 -12.69
CA PRO B 19 -28.22 -16.96 -11.71
C PRO B 19 -26.84 -17.61 -11.80
N SER B 20 -26.31 -17.67 -13.01
CA SER B 20 -24.99 -18.27 -13.26
C SER B 20 -23.81 -17.39 -12.85
N ASP B 21 -24.07 -16.16 -12.42
CA ASP B 21 -22.99 -15.27 -12.00
C ASP B 21 -22.28 -15.82 -10.78
N THR B 22 -20.97 -15.63 -10.73
CA THR B 22 -20.17 -16.07 -9.59
C THR B 22 -20.08 -14.90 -8.61
N ILE B 23 -19.82 -15.21 -7.35
CA ILE B 23 -19.70 -14.20 -6.33
C ILE B 23 -18.58 -13.23 -6.70
N GLU B 24 -17.50 -13.76 -7.26
CA GLU B 24 -16.38 -12.93 -7.71
C GLU B 24 -16.95 -11.84 -8.61
N ASN B 25 -17.72 -12.27 -9.61
CA ASN B 25 -18.33 -11.37 -10.56
C ASN B 25 -19.28 -10.37 -9.91
N VAL B 26 -20.02 -10.83 -8.90
CA VAL B 26 -20.94 -9.94 -8.19
C VAL B 26 -20.15 -8.80 -7.57
N LYS B 27 -19.06 -9.15 -6.89
CA LYS B 27 -18.21 -8.15 -6.25
C LYS B 27 -17.63 -7.20 -7.31
N ALA B 28 -17.31 -7.74 -8.48
CA ALA B 28 -16.78 -6.90 -9.56
C ALA B 28 -17.83 -5.85 -9.92
N LYS B 29 -19.08 -6.28 -10.04
CA LYS B 29 -20.17 -5.36 -10.37
C LYS B 29 -20.36 -4.32 -9.27
N ILE B 30 -20.16 -4.72 -8.03
CA ILE B 30 -20.30 -3.79 -6.92
C ILE B 30 -19.17 -2.78 -7.08
N GLN B 31 -17.95 -3.29 -7.29
CA GLN B 31 -16.81 -2.42 -7.46
C GLN B 31 -17.09 -1.35 -8.51
N ASP B 32 -17.70 -1.74 -9.62
CA ASP B 32 -17.97 -0.79 -10.69
C ASP B 32 -18.99 0.30 -10.36
N LYS B 33 -19.76 0.12 -9.30
CA LYS B 33 -20.75 1.12 -8.90
C LYS B 33 -20.34 1.85 -7.61
N GLU B 34 -19.60 1.17 -6.75
CA GLU B 34 -19.19 1.75 -5.48
C GLU B 34 -17.69 2.03 -5.39
N GLY B 35 -16.91 1.44 -6.29
CA GLY B 35 -15.46 1.64 -6.29
C GLY B 35 -14.74 0.75 -5.30
N ILE B 36 -15.49 0.11 -4.41
CA ILE B 36 -14.93 -0.76 -3.39
C ILE B 36 -14.17 -1.96 -3.96
N PRO B 37 -12.88 -2.09 -3.63
CA PRO B 37 -12.07 -3.22 -4.12
C PRO B 37 -12.74 -4.55 -3.77
N PRO B 38 -12.87 -5.45 -4.76
CA PRO B 38 -13.49 -6.75 -4.56
C PRO B 38 -12.95 -7.56 -3.38
N ASP B 39 -11.65 -7.48 -3.14
CA ASP B 39 -11.05 -8.24 -2.05
C ASP B 39 -11.32 -7.67 -0.64
N GLN B 40 -11.96 -6.50 -0.58
CA GLN B 40 -12.29 -5.91 0.71
C GLN B 40 -13.76 -6.18 1.01
N GLN B 41 -14.46 -6.77 0.05
CA GLN B 41 -15.89 -7.05 0.19
C GLN B 41 -16.20 -8.41 0.80
N ARG B 42 -17.26 -8.45 1.61
CA ARG B 42 -17.74 -9.65 2.24
C ARG B 42 -19.25 -9.57 2.07
N LEU B 43 -19.83 -10.54 1.36
CA LEU B 43 -21.27 -10.56 1.13
C LEU B 43 -21.94 -11.60 2.02
N ILE B 44 -23.02 -11.19 2.65
CA ILE B 44 -23.75 -12.05 3.58
C ILE B 44 -25.17 -12.28 3.09
N PHE B 45 -25.57 -13.54 2.97
CA PHE B 45 -26.92 -13.86 2.55
C PHE B 45 -27.51 -14.86 3.53
N ALA B 46 -28.64 -14.49 4.14
CA ALA B 46 -29.33 -15.35 5.10
C ALA B 46 -28.40 -16.02 6.11
N GLY B 47 -27.53 -15.22 6.71
CA GLY B 47 -26.61 -15.74 7.71
C GLY B 47 -25.36 -16.40 7.18
N LYS B 48 -25.23 -16.50 5.86
CA LYS B 48 -24.07 -17.13 5.25
C LYS B 48 -23.12 -16.18 4.51
N GLN B 49 -21.83 -16.29 4.79
CA GLN B 49 -20.85 -15.46 4.10
C GLN B 49 -20.60 -16.18 2.77
N LEU B 50 -20.73 -15.48 1.65
CA LEU B 50 -20.57 -16.10 0.34
C LEU B 50 -19.14 -16.23 -0.17
N GLU B 51 -18.83 -17.40 -0.73
CA GLU B 51 -17.51 -17.70 -1.26
C GLU B 51 -17.41 -17.30 -2.74
N ASP B 52 -16.31 -16.65 -3.08
CA ASP B 52 -16.06 -16.16 -4.45
C ASP B 52 -16.23 -17.19 -5.56
N GLY B 53 -15.86 -18.44 -5.27
CA GLY B 53 -15.94 -19.50 -6.26
C GLY B 53 -17.30 -20.03 -6.65
N ARG B 54 -18.33 -19.83 -5.83
CA ARG B 54 -19.63 -20.33 -6.22
C ARG B 54 -20.42 -19.33 -7.04
N THR B 55 -21.63 -19.70 -7.41
CA THR B 55 -22.49 -18.82 -8.19
C THR B 55 -23.72 -18.45 -7.37
N LEU B 56 -24.56 -17.59 -7.93
CA LEU B 56 -25.77 -17.20 -7.23
C LEU B 56 -26.70 -18.41 -7.08
N SER B 57 -26.83 -19.18 -8.15
CA SER B 57 -27.69 -20.37 -8.13
C SER B 57 -27.19 -21.44 -7.17
N ASP B 58 -25.90 -21.45 -6.87
CA ASP B 58 -25.38 -22.45 -5.93
C ASP B 58 -26.01 -22.19 -4.57
N TYR B 59 -26.27 -20.92 -4.29
CA TYR B 59 -26.86 -20.48 -3.03
C TYR B 59 -28.36 -20.31 -3.11
N ASN B 60 -28.91 -20.57 -4.29
CA ASN B 60 -30.33 -20.41 -4.56
C ASN B 60 -30.75 -18.98 -4.27
N ILE B 61 -29.86 -18.03 -4.58
CA ILE B 61 -30.17 -16.62 -4.39
C ILE B 61 -31.00 -16.28 -5.61
N GLN B 62 -32.30 -16.13 -5.41
CA GLN B 62 -33.20 -15.85 -6.51
C GLN B 62 -33.39 -14.36 -6.75
N ARG B 63 -34.16 -14.06 -7.79
CA ARG B 63 -34.45 -12.69 -8.17
C ARG B 63 -35.02 -11.91 -6.97
N GLU B 64 -34.64 -10.63 -6.88
CA GLU B 64 -35.11 -9.75 -5.82
C GLU B 64 -34.45 -9.94 -4.45
N SER B 65 -33.51 -10.87 -4.34
CA SER B 65 -32.83 -11.12 -3.08
C SER B 65 -31.99 -9.93 -2.63
N THR B 66 -31.72 -9.86 -1.34
CA THR B 66 -30.93 -8.79 -0.76
C THR B 66 -29.66 -9.33 -0.11
N LEU B 67 -28.52 -8.78 -0.52
CA LEU B 67 -27.23 -9.18 0.02
C LEU B 67 -26.74 -8.08 0.95
N HIS B 68 -26.00 -8.47 1.98
CA HIS B 68 -25.48 -7.51 2.92
C HIS B 68 -23.97 -7.41 2.83
N LEU B 69 -23.48 -6.18 2.65
CA LEU B 69 -22.07 -5.90 2.50
C LEU B 69 -21.38 -5.26 3.70
N VAL B 70 -20.21 -5.80 4.04
CA VAL B 70 -19.36 -5.25 5.10
C VAL B 70 -17.94 -5.46 4.62
N LEU B 71 -17.03 -4.57 5.02
CA LEU B 71 -15.66 -4.63 4.56
C LEU B 71 -14.64 -5.22 5.51
N ARG B 72 -13.49 -5.57 4.93
CA ARG B 72 -12.34 -6.14 5.60
C ARG B 72 -11.17 -5.34 5.01
N LEU B 73 -10.00 -5.39 5.63
CA LEU B 73 -8.87 -4.66 5.08
C LEU B 73 -8.38 -5.34 3.81
N ARG B 74 -8.21 -6.65 3.86
CA ARG B 74 -7.76 -7.40 2.69
C ARG B 74 -7.98 -8.90 2.80
N GLY B 75 -7.89 -9.57 1.66
CA GLY B 75 -8.06 -11.01 1.63
C GLY B 75 -6.71 -11.67 1.87
N GLY B 76 -6.66 -12.56 2.86
CA GLY B 76 -5.42 -13.24 3.18
C GLY B 76 -4.51 -12.41 4.09
N GLY C 1 34.13 2.24 25.00
CA GLY C 1 33.38 1.11 25.60
C GLY C 1 31.87 1.28 25.48
N PRO C 2 31.08 0.40 26.11
CA PRO C 2 29.60 0.41 26.10
C PRO C 2 28.98 1.76 26.46
N LEU C 3 28.04 2.23 25.62
CA LEU C 3 27.39 3.51 25.86
C LEU C 3 25.86 3.45 25.73
N GLY C 4 25.36 2.51 24.94
CA GLY C 4 23.92 2.40 24.77
C GLY C 4 23.28 1.71 25.96
N SER C 5 21.94 1.63 25.95
CA SER C 5 21.22 0.99 27.06
C SER C 5 20.42 -0.20 26.56
N GLU C 6 20.83 -1.40 26.98
CA GLU C 6 20.17 -2.62 26.56
C GLU C 6 18.72 -2.75 27.03
N GLU C 7 18.50 -2.64 28.33
CA GLU C 7 17.14 -2.77 28.86
C GLU C 7 16.24 -1.60 28.46
N GLU C 8 16.86 -0.51 28.03
CA GLU C 8 16.14 0.68 27.59
C GLU C 8 15.55 0.46 26.19
N GLN C 9 16.39 -0.07 25.31
CA GLN C 9 15.92 -0.35 23.96
C GLN C 9 15.03 -1.59 24.05
N PHE C 10 15.24 -2.40 25.09
CA PHE C 10 14.45 -3.61 25.29
C PHE C 10 13.03 -3.14 25.64
N ALA C 11 12.95 -2.17 26.55
CA ALA C 11 11.67 -1.61 26.97
C ALA C 11 10.95 -0.96 25.81
N LEU C 12 11.68 -0.22 24.97
CA LEU C 12 11.07 0.44 23.83
C LEU C 12 10.43 -0.58 22.89
N ALA C 13 11.17 -1.65 22.59
CA ALA C 13 10.69 -2.70 21.70
C ALA C 13 9.42 -3.33 22.27
N LEU C 14 9.38 -3.52 23.59
CA LEU C 14 8.20 -4.11 24.21
C LEU C 14 6.99 -3.21 24.00
N LYS C 15 7.16 -1.91 24.24
CA LYS C 15 6.09 -0.94 24.11
C LYS C 15 5.59 -0.78 22.67
N MET C 16 6.50 -0.61 21.73
CA MET C 16 6.11 -0.46 20.34
C MET C 16 5.40 -1.72 19.85
N SER C 17 5.89 -2.87 20.30
CA SER C 17 5.34 -4.17 19.93
C SER C 17 3.94 -4.31 20.53
N GLU C 18 3.81 -3.83 21.76
CA GLU C 18 2.57 -3.83 22.50
C GLU C 18 1.54 -3.04 21.67
N GLN C 19 1.87 -1.79 21.38
CA GLN C 19 1.01 -0.90 20.59
C GLN C 19 0.58 -1.58 19.30
N GLU C 20 1.55 -2.12 18.58
CA GLU C 20 1.32 -2.78 17.31
C GLU C 20 0.33 -3.93 17.43
N ALA C 21 0.44 -4.70 18.51
CA ALA C 21 -0.45 -5.83 18.73
C ALA C 21 -1.85 -5.34 19.05
N ARG C 22 -1.95 -4.26 19.82
CA ARG C 22 -3.24 -3.70 20.20
C ARG C 22 -3.95 -3.18 18.96
N GLU C 23 -3.17 -2.66 18.02
CA GLU C 23 -3.69 -2.13 16.77
C GLU C 23 -4.28 -3.27 15.95
N VAL C 24 -3.49 -4.35 15.79
CA VAL C 24 -3.92 -5.52 15.05
C VAL C 24 -5.19 -6.11 15.65
N ASN C 25 -5.21 -6.25 16.97
CA ASN C 25 -6.36 -6.80 17.63
C ASN C 25 -7.60 -5.93 17.42
N ASN C 26 -7.46 -4.62 17.61
CA ASN C 26 -8.58 -3.71 17.42
C ASN C 26 -9.14 -3.83 16.00
N GLN C 27 -8.24 -4.02 15.02
CA GLN C 27 -8.69 -4.15 13.65
C GLN C 27 -9.52 -5.43 13.50
N GLU C 28 -8.96 -6.55 13.96
CA GLU C 28 -9.66 -7.83 13.89
C GLU C 28 -11.02 -7.76 14.59
N GLU C 29 -11.05 -7.02 15.70
CA GLU C 29 -12.26 -6.88 16.49
C GLU C 29 -13.37 -6.09 15.79
N LYS C 30 -13.01 -4.98 15.17
CA LYS C 30 -14.00 -4.18 14.46
C LYS C 30 -14.51 -4.95 13.25
N GLU C 31 -13.63 -5.72 12.62
CA GLU C 31 -14.04 -6.48 11.46
C GLU C 31 -15.01 -7.57 11.86
N GLU C 32 -14.86 -8.09 13.06
CA GLU C 32 -15.75 -9.12 13.57
C GLU C 32 -17.09 -8.49 13.96
N GLU C 33 -17.03 -7.30 14.53
CA GLU C 33 -18.23 -6.59 14.94
C GLU C 33 -19.08 -6.27 13.72
N LEU C 34 -18.44 -5.85 12.64
CA LEU C 34 -19.14 -5.52 11.40
C LEU C 34 -19.78 -6.76 10.82
N LEU C 35 -19.06 -7.88 10.89
CA LEU C 35 -19.53 -9.16 10.37
C LEU C 35 -20.75 -9.64 11.15
N ARG C 36 -20.70 -9.45 12.46
CA ARG C 36 -21.80 -9.85 13.34
C ARG C 36 -23.03 -9.02 13.01
N LYS C 37 -22.85 -7.73 12.76
CA LYS C 37 -23.96 -6.84 12.46
C LYS C 37 -24.62 -7.16 11.12
N ALA C 38 -23.82 -7.57 10.14
CA ALA C 38 -24.35 -7.90 8.83
C ALA C 38 -25.11 -9.23 8.90
N ILE C 39 -24.63 -10.15 9.73
CA ILE C 39 -25.29 -11.44 9.88
C ILE C 39 -26.65 -11.21 10.55
N ALA C 40 -26.67 -10.41 11.61
CA ALA C 40 -27.93 -10.11 12.31
C ALA C 40 -28.94 -9.44 11.36
N GLU C 41 -28.47 -8.53 10.52
CA GLU C 41 -29.36 -7.86 9.56
C GLU C 41 -29.94 -8.84 8.55
N SER C 42 -29.08 -9.71 8.02
CA SER C 42 -29.48 -10.70 7.02
C SER C 42 -30.45 -11.75 7.56
N LEU C 43 -30.52 -11.88 8.87
CA LEU C 43 -31.41 -12.88 9.44
C LEU C 43 -32.64 -12.25 10.08
N ASN C 44 -32.51 -11.02 10.56
CA ASN C 44 -33.63 -10.30 11.21
C ASN C 44 -34.52 -9.62 10.18
N SER C 45 -34.00 -9.43 8.98
CA SER C 45 -34.73 -8.82 7.88
C SER C 45 -33.87 -8.95 6.63
N MET D 1 5.25 13.76 -19.50
CA MET D 1 5.51 13.45 -18.07
C MET D 1 6.99 13.62 -17.77
N GLN D 2 7.34 13.65 -16.49
CA GLN D 2 8.72 13.79 -16.14
C GLN D 2 9.24 12.55 -15.40
N ILE D 3 10.51 12.22 -15.65
CA ILE D 3 11.16 11.09 -15.01
C ILE D 3 12.47 11.65 -14.49
N PHE D 4 13.17 10.89 -13.68
CA PHE D 4 14.44 11.37 -13.12
C PHE D 4 15.61 10.47 -13.53
N VAL D 5 16.79 11.07 -13.60
CA VAL D 5 18.01 10.34 -13.95
C VAL D 5 19.10 10.64 -12.93
N LYS D 6 19.45 9.65 -12.13
CA LYS D 6 20.48 9.81 -11.10
C LYS D 6 21.85 9.29 -11.52
N THR D 7 22.90 10.01 -11.12
CA THR D 7 24.26 9.59 -11.41
C THR D 7 24.81 9.05 -10.11
N LEU D 8 26.03 8.52 -10.13
CA LEU D 8 26.61 7.98 -8.91
C LEU D 8 27.12 9.12 -8.02
N THR D 9 27.43 10.25 -8.64
CA THR D 9 27.92 11.40 -7.90
C THR D 9 26.80 12.13 -7.15
N GLY D 10 25.60 11.54 -7.14
CA GLY D 10 24.48 12.13 -6.43
C GLY D 10 23.53 13.05 -7.21
N LYS D 11 24.06 13.80 -8.17
CA LYS D 11 23.24 14.72 -8.95
C LYS D 11 22.04 14.05 -9.62
N THR D 12 20.95 14.80 -9.74
CA THR D 12 19.73 14.29 -10.35
C THR D 12 19.34 15.12 -11.58
N ILE D 13 19.04 14.44 -12.67
CA ILE D 13 18.65 15.10 -13.90
C ILE D 13 17.15 14.83 -14.07
N THR D 14 16.37 15.89 -14.25
CA THR D 14 14.93 15.73 -14.44
C THR D 14 14.64 15.95 -15.93
N LEU D 15 13.82 15.07 -16.50
CA LEU D 15 13.51 15.16 -17.92
C LEU D 15 12.03 15.01 -18.20
N GLU D 16 11.57 15.77 -19.19
CA GLU D 16 10.19 15.70 -19.63
C GLU D 16 10.17 14.69 -20.76
N VAL D 17 9.35 13.66 -20.64
CA VAL D 17 9.30 12.63 -21.67
C VAL D 17 7.88 12.13 -21.92
N GLU D 18 7.80 11.10 -22.76
CA GLU D 18 6.54 10.46 -23.11
C GLU D 18 6.86 8.96 -23.20
N PRO D 19 5.98 8.11 -22.64
CA PRO D 19 6.20 6.67 -22.68
C PRO D 19 6.58 6.13 -24.06
N SER D 20 6.22 6.86 -25.11
CA SER D 20 6.53 6.42 -26.46
C SER D 20 7.93 6.82 -26.91
N ASP D 21 8.61 7.64 -26.11
CA ASP D 21 9.97 8.05 -26.46
C ASP D 21 10.91 6.85 -26.36
N THR D 22 11.90 6.79 -27.24
CA THR D 22 12.85 5.70 -27.23
C THR D 22 13.94 6.04 -26.22
N ILE D 23 14.70 5.03 -25.82
CA ILE D 23 15.78 5.24 -24.86
C ILE D 23 16.83 6.18 -25.46
N GLU D 24 17.09 6.01 -26.75
CA GLU D 24 18.06 6.85 -27.45
C GLU D 24 17.56 8.29 -27.38
N ASN D 25 16.25 8.46 -27.47
CA ASN D 25 15.62 9.77 -27.39
C ASN D 25 15.98 10.36 -26.03
N VAL D 26 15.85 9.54 -25.00
CA VAL D 26 16.17 9.96 -23.64
C VAL D 26 17.63 10.36 -23.55
N LYS D 27 18.50 9.62 -24.23
CA LYS D 27 19.93 9.93 -24.20
C LYS D 27 20.24 11.25 -24.88
N ALA D 28 19.42 11.63 -25.86
CA ALA D 28 19.61 12.90 -26.56
C ALA D 28 19.19 14.03 -25.62
N LYS D 29 18.14 13.80 -24.84
CA LYS D 29 17.68 14.80 -23.89
C LYS D 29 18.73 15.02 -22.81
N ILE D 30 19.35 13.94 -22.35
CA ILE D 30 20.41 14.07 -21.36
C ILE D 30 21.60 14.79 -22.02
N GLN D 31 21.85 14.47 -23.28
CA GLN D 31 22.95 15.13 -23.99
C GLN D 31 22.71 16.64 -24.04
N ASP D 32 21.52 17.04 -24.46
CA ASP D 32 21.21 18.45 -24.55
C ASP D 32 21.10 19.09 -23.18
N LYS D 33 21.08 18.26 -22.15
CA LYS D 33 20.96 18.74 -20.77
C LYS D 33 22.33 18.86 -20.10
N GLU D 34 23.15 17.83 -20.26
CA GLU D 34 24.47 17.78 -19.65
C GLU D 34 25.65 17.84 -20.61
N GLY D 35 25.41 17.57 -21.89
CA GLY D 35 26.48 17.61 -22.87
C GLY D 35 27.14 16.26 -23.06
N ILE D 36 26.60 15.23 -22.41
CA ILE D 36 27.14 13.89 -22.51
C ILE D 36 26.77 13.20 -23.82
N PRO D 37 27.77 12.71 -24.57
CA PRO D 37 27.53 12.02 -25.84
C PRO D 37 26.68 10.77 -25.62
N PRO D 38 25.59 10.61 -26.40
CA PRO D 38 24.73 9.44 -26.24
C PRO D 38 25.45 8.09 -26.18
N ASP D 39 26.47 7.91 -27.02
CA ASP D 39 27.19 6.63 -27.04
C ASP D 39 28.03 6.38 -25.78
N GLN D 40 28.18 7.38 -24.94
CA GLN D 40 28.94 7.19 -23.71
C GLN D 40 28.00 6.89 -22.57
N GLN D 41 26.72 7.15 -22.78
CA GLN D 41 25.72 6.94 -21.75
C GLN D 41 25.23 5.52 -21.60
N ARG D 42 25.15 5.10 -20.34
CA ARG D 42 24.63 3.79 -20.00
C ARG D 42 23.47 4.00 -19.02
N LEU D 43 22.25 3.73 -19.49
CA LEU D 43 21.07 3.90 -18.66
C LEU D 43 20.60 2.61 -18.02
N ILE D 44 20.13 2.70 -16.78
CA ILE D 44 19.69 1.53 -16.04
C ILE D 44 18.37 1.75 -15.32
N PHE D 45 17.50 0.75 -15.36
CA PHE D 45 16.22 0.80 -14.66
C PHE D 45 15.89 -0.59 -14.15
N ALA D 46 15.46 -0.66 -12.89
CA ALA D 46 15.11 -1.94 -12.30
C ALA D 46 16.21 -2.99 -12.48
N GLY D 47 17.47 -2.60 -12.31
CA GLY D 47 18.56 -3.54 -12.42
C GLY D 47 19.02 -4.05 -13.78
N LYS D 48 18.66 -3.36 -14.85
CA LYS D 48 19.10 -3.81 -16.17
C LYS D 48 19.41 -2.61 -17.06
N GLN D 49 20.37 -2.80 -17.96
CA GLN D 49 20.77 -1.76 -18.89
C GLN D 49 19.68 -1.65 -19.96
N LEU D 50 19.23 -0.43 -20.23
CA LEU D 50 18.18 -0.19 -21.22
C LEU D 50 18.72 -0.10 -22.65
N GLU D 51 18.04 -0.79 -23.56
CA GLU D 51 18.44 -0.84 -24.97
C GLU D 51 17.83 0.26 -25.81
N ASP D 52 18.66 0.87 -26.66
CA ASP D 52 18.15 1.91 -27.56
C ASP D 52 17.17 1.16 -28.45
N GLY D 53 16.24 1.88 -29.07
CA GLY D 53 15.29 1.20 -29.93
C GLY D 53 14.05 0.74 -29.18
N ARG D 54 14.17 0.66 -27.86
CA ARG D 54 13.04 0.26 -27.02
C ARG D 54 12.48 1.55 -26.42
N THR D 55 11.17 1.57 -26.15
CA THR D 55 10.55 2.75 -25.59
C THR D 55 10.45 2.66 -24.08
N LEU D 56 10.11 3.78 -23.45
CA LEU D 56 9.99 3.83 -22.00
C LEU D 56 8.90 2.89 -21.50
N SER D 57 7.83 2.77 -22.30
CA SER D 57 6.70 1.91 -21.95
C SER D 57 7.14 0.45 -21.99
N ASP D 58 8.01 0.11 -22.96
CA ASP D 58 8.51 -1.25 -23.09
C ASP D 58 9.19 -1.69 -21.81
N TYR D 59 9.57 -0.72 -20.98
CA TYR D 59 10.24 -1.00 -19.72
C TYR D 59 9.41 -0.66 -18.51
N ASN D 60 8.14 -0.33 -18.73
CA ASN D 60 7.26 0.03 -17.62
C ASN D 60 7.78 1.24 -16.86
N ILE D 61 8.44 2.15 -17.54
CA ILE D 61 8.95 3.35 -16.89
C ILE D 61 7.81 4.36 -16.90
N GLN D 62 7.31 4.69 -15.71
CA GLN D 62 6.20 5.63 -15.56
C GLN D 62 6.65 6.98 -15.08
N LYS D 63 5.68 7.84 -14.77
CA LYS D 63 6.01 9.16 -14.28
C LYS D 63 6.60 9.02 -12.90
N GLU D 64 7.60 9.85 -12.61
CA GLU D 64 8.29 9.85 -11.32
C GLU D 64 9.27 8.70 -11.19
N SER D 65 9.44 7.92 -12.27
CA SER D 65 10.38 6.79 -12.26
C SER D 65 11.82 7.32 -12.24
N THR D 66 12.74 6.49 -11.75
CA THR D 66 14.13 6.90 -11.67
C THR D 66 15.09 5.94 -12.35
N LEU D 67 15.85 6.49 -13.28
CA LEU D 67 16.83 5.74 -14.02
C LEU D 67 18.19 6.07 -13.42
N HIS D 68 19.19 5.24 -13.69
CA HIS D 68 20.53 5.52 -13.22
C HIS D 68 21.43 5.64 -14.43
N LEU D 69 22.36 6.58 -14.36
CA LEU D 69 23.28 6.84 -15.45
C LEU D 69 24.73 6.59 -15.06
N VAL D 70 25.43 5.85 -15.90
CA VAL D 70 26.84 5.58 -15.68
C VAL D 70 27.47 5.77 -17.07
N LEU D 71 28.70 6.28 -17.10
CA LEU D 71 29.36 6.53 -18.37
C LEU D 71 30.43 5.50 -18.70
N ARG D 72 30.57 5.22 -20.00
CA ARG D 72 31.58 4.31 -20.49
C ARG D 72 32.25 5.08 -21.61
N LEU D 73 33.51 5.39 -21.39
CA LEU D 73 34.30 6.16 -22.34
C LEU D 73 34.72 5.29 -23.51
N ARG D 74 33.71 4.80 -24.23
CA ARG D 74 33.93 3.97 -25.40
C ARG D 74 32.99 4.39 -26.52
N MET E 1 -22.16 25.17 2.12
CA MET E 1 -22.18 24.07 3.13
C MET E 1 -20.76 23.72 3.53
N GLN E 2 -20.61 23.09 4.68
CA GLN E 2 -19.29 22.69 5.10
C GLN E 2 -19.20 21.18 5.13
N ILE E 3 -18.02 20.67 4.83
CA ILE E 3 -17.78 19.25 4.85
C ILE E 3 -16.52 19.05 5.64
N PHE E 4 -16.27 17.82 6.05
CA PHE E 4 -15.09 17.52 6.82
C PHE E 4 -14.16 16.65 5.99
N VAL E 5 -12.87 16.78 6.27
CA VAL E 5 -11.86 15.99 5.59
C VAL E 5 -10.96 15.43 6.69
N LYS E 6 -10.84 14.12 6.76
CA LYS E 6 -10.01 13.57 7.79
C LYS E 6 -9.01 12.58 7.22
N THR E 7 -7.82 12.59 7.81
CA THR E 7 -6.74 11.70 7.43
C THR E 7 -6.83 10.48 8.34
N LEU E 8 -6.19 9.39 7.97
CA LEU E 8 -6.25 8.18 8.79
C LEU E 8 -5.77 8.40 10.23
N THR E 9 -4.92 9.40 10.42
CA THR E 9 -4.38 9.71 11.74
C THR E 9 -5.44 10.38 12.63
N GLY E 10 -6.49 10.92 12.02
CA GLY E 10 -7.55 11.56 12.79
C GLY E 10 -7.58 13.06 12.64
N LYS E 11 -6.61 13.60 11.91
CA LYS E 11 -6.52 15.03 11.69
C LYS E 11 -7.76 15.40 10.87
N THR E 12 -8.54 16.37 11.35
CA THR E 12 -9.75 16.77 10.64
C THR E 12 -9.75 18.21 10.14
N ILE E 13 -10.05 18.35 8.86
CA ILE E 13 -10.11 19.66 8.22
C ILE E 13 -11.55 19.94 7.83
N THR E 14 -12.07 21.10 8.21
CA THR E 14 -13.43 21.46 7.84
C THR E 14 -13.36 22.44 6.69
N LEU E 15 -14.14 22.21 5.65
CA LEU E 15 -14.15 23.09 4.48
C LEU E 15 -15.50 23.70 4.21
N GLU E 16 -15.47 24.88 3.60
CA GLU E 16 -16.70 25.57 3.22
C GLU E 16 -16.76 25.32 1.72
N VAL E 17 -17.81 24.63 1.27
CA VAL E 17 -17.93 24.30 -0.14
C VAL E 17 -19.34 24.41 -0.71
N GLU E 18 -19.44 24.23 -2.03
CA GLU E 18 -20.72 24.27 -2.73
C GLU E 18 -20.85 22.97 -3.52
N PRO E 19 -22.08 22.43 -3.64
CA PRO E 19 -22.29 21.18 -4.39
C PRO E 19 -21.68 21.17 -5.79
N SER E 20 -21.55 22.34 -6.40
CA SER E 20 -21.00 22.43 -7.73
C SER E 20 -19.48 22.39 -7.76
N ASP E 21 -18.85 22.49 -6.60
CA ASP E 21 -17.39 22.44 -6.50
C ASP E 21 -16.83 21.14 -7.09
N THR E 22 -15.80 21.26 -7.91
CA THR E 22 -15.18 20.08 -8.49
C THR E 22 -14.18 19.54 -7.47
N ILE E 23 -13.81 18.27 -7.62
CA ILE E 23 -12.85 17.65 -6.72
C ILE E 23 -11.56 18.46 -6.80
N GLU E 24 -11.18 18.80 -8.02
CA GLU E 24 -9.97 19.57 -8.29
C GLU E 24 -10.00 20.87 -7.48
N ASN E 25 -11.20 21.39 -7.27
CA ASN E 25 -11.42 22.63 -6.55
C ASN E 25 -11.30 22.40 -5.03
N VAL E 26 -11.75 21.24 -4.57
CA VAL E 26 -11.70 20.90 -3.16
C VAL E 26 -10.26 20.75 -2.66
N LYS E 27 -9.42 20.12 -3.48
CA LYS E 27 -8.03 19.91 -3.13
C LYS E 27 -7.31 21.24 -2.93
N ALA E 28 -7.58 22.19 -3.83
CA ALA E 28 -6.97 23.51 -3.78
C ALA E 28 -7.31 24.22 -2.48
N LYS E 29 -8.49 23.92 -1.93
CA LYS E 29 -8.90 24.53 -0.67
C LYS E 29 -8.21 23.82 0.50
N ILE E 30 -7.88 22.56 0.31
CA ILE E 30 -7.16 21.83 1.35
C ILE E 30 -5.74 22.36 1.34
N GLN E 31 -5.20 22.60 0.15
CA GLN E 31 -3.85 23.15 0.05
C GLN E 31 -3.79 24.50 0.75
N ASP E 32 -4.84 25.29 0.56
CA ASP E 32 -4.92 26.60 1.18
C ASP E 32 -4.91 26.58 2.70
N LYS E 33 -5.66 25.66 3.30
CA LYS E 33 -5.70 25.59 4.75
C LYS E 33 -4.61 24.73 5.38
N GLU E 34 -4.06 23.79 4.62
CA GLU E 34 -3.02 22.92 5.18
C GLU E 34 -1.68 22.90 4.45
N GLY E 35 -1.62 23.50 3.26
CA GLY E 35 -0.37 23.54 2.52
C GLY E 35 -0.06 22.28 1.74
N ILE E 36 -0.93 21.28 1.85
CA ILE E 36 -0.74 20.04 1.13
C ILE E 36 -1.05 20.26 -0.33
N PRO E 37 -0.05 20.07 -1.21
CA PRO E 37 -0.26 20.26 -2.64
C PRO E 37 -1.32 19.32 -3.19
N PRO E 38 -2.19 19.82 -4.05
CA PRO E 38 -3.26 19.00 -4.63
C PRO E 38 -2.80 17.65 -5.16
N ASP E 39 -1.67 17.62 -5.85
CA ASP E 39 -1.16 16.37 -6.42
C ASP E 39 -0.72 15.32 -5.42
N GLN E 40 -0.71 15.68 -4.13
CA GLN E 40 -0.33 14.73 -3.07
C GLN E 40 -1.59 14.18 -2.41
N GLN E 41 -2.74 14.71 -2.81
CA GLN E 41 -4.02 14.31 -2.23
C GLN E 41 -4.82 13.25 -2.97
N ARG E 42 -5.40 12.35 -2.19
CA ARG E 42 -6.26 11.28 -2.72
C ARG E 42 -7.49 11.30 -1.80
N LEU E 43 -8.62 11.70 -2.37
CA LEU E 43 -9.85 11.81 -1.62
C LEU E 43 -10.79 10.66 -1.87
N ILE E 44 -11.45 10.23 -0.79
CA ILE E 44 -12.36 9.11 -0.86
C ILE E 44 -13.64 9.43 -0.08
N PHE E 45 -14.78 9.01 -0.64
CA PHE E 45 -16.07 9.18 0.01
C PHE E 45 -16.90 7.95 -0.27
N ALA E 46 -17.53 7.41 0.78
CA ALA E 46 -18.38 6.23 0.66
C ALA E 46 -17.68 5.10 -0.08
N GLY E 47 -16.41 4.89 0.22
CA GLY E 47 -15.66 3.81 -0.41
C GLY E 47 -15.16 4.07 -1.81
N LYS E 48 -15.44 5.25 -2.34
CA LYS E 48 -15.01 5.57 -3.71
C LYS E 48 -13.97 6.69 -3.76
N GLN E 49 -12.99 6.52 -4.65
CA GLN E 49 -11.95 7.53 -4.81
C GLN E 49 -12.50 8.59 -5.77
N LEU E 50 -12.44 9.85 -5.35
CA LEU E 50 -12.97 10.95 -6.15
C LEU E 50 -12.05 11.44 -7.27
N GLU E 51 -12.63 11.77 -8.42
CA GLU E 51 -11.88 12.23 -9.58
C GLU E 51 -11.92 13.75 -9.74
N ASP E 52 -10.75 14.33 -9.97
CA ASP E 52 -10.58 15.79 -10.12
C ASP E 52 -11.64 16.49 -10.95
N GLY E 53 -12.09 15.84 -12.03
CA GLY E 53 -13.08 16.43 -12.91
C GLY E 53 -14.53 16.40 -12.46
N ARG E 54 -14.86 15.62 -11.44
CA ARG E 54 -16.24 15.53 -10.97
C ARG E 54 -16.57 16.58 -9.92
N THR E 55 -17.85 16.70 -9.59
CA THR E 55 -18.31 17.65 -8.58
C THR E 55 -18.75 16.90 -7.35
N LEU E 56 -18.84 17.61 -6.22
CA LEU E 56 -19.26 16.97 -4.98
C LEU E 56 -20.66 16.40 -5.20
N SER E 57 -21.44 17.07 -6.04
CA SER E 57 -22.80 16.62 -6.34
C SER E 57 -22.81 15.30 -7.12
N ASP E 58 -21.82 15.10 -7.99
CA ASP E 58 -21.74 13.85 -8.76
C ASP E 58 -21.68 12.65 -7.82
N TYR E 59 -21.07 12.86 -6.66
CA TYR E 59 -20.91 11.79 -5.68
C TYR E 59 -21.95 11.91 -4.56
N ASN E 60 -22.94 12.77 -4.76
CA ASN E 60 -23.98 12.94 -3.77
C ASN E 60 -23.41 13.29 -2.41
N ILE E 61 -22.33 14.07 -2.40
CA ILE E 61 -21.72 14.48 -1.13
C ILE E 61 -22.66 15.53 -0.56
N GLN E 62 -23.19 15.27 0.62
CA GLN E 62 -24.12 16.20 1.23
C GLN E 62 -23.51 17.04 2.34
N ARG E 63 -24.34 17.89 2.93
CA ARG E 63 -23.93 18.76 4.01
C ARG E 63 -23.28 17.99 5.15
N GLU E 64 -22.14 18.48 5.62
CA GLU E 64 -21.40 17.86 6.70
C GLU E 64 -20.97 16.41 6.49
N SER E 65 -20.81 16.04 5.22
CA SER E 65 -20.35 14.70 4.88
C SER E 65 -18.88 14.71 5.27
N THR E 66 -18.29 13.53 5.41
CA THR E 66 -16.89 13.43 5.74
C THR E 66 -16.14 12.72 4.63
N LEU E 67 -15.10 13.39 4.13
CA LEU E 67 -14.25 12.85 3.08
C LEU E 67 -12.98 12.32 3.75
N HIS E 68 -12.46 11.20 3.27
CA HIS E 68 -11.25 10.65 3.83
C HIS E 68 -10.08 10.93 2.90
N LEU E 69 -9.03 11.50 3.47
CA LEU E 69 -7.84 11.85 2.71
C LEU E 69 -6.62 11.03 3.07
N VAL E 70 -5.91 10.60 2.04
CA VAL E 70 -4.68 9.84 2.19
C VAL E 70 -3.63 10.58 1.34
N LEU E 71 -2.45 10.79 1.92
CA LEU E 71 -1.35 11.47 1.25
C LEU E 71 -0.53 10.41 0.54
N ARG E 72 -0.19 10.64 -0.72
CA ARG E 72 0.59 9.65 -1.44
C ARG E 72 2.05 9.66 -1.02
N LEU E 73 2.69 8.52 -1.23
CA LEU E 73 4.10 8.40 -0.89
C LEU E 73 4.93 8.64 -2.16
N ARG E 74 4.33 8.42 -3.32
CA ARG E 74 5.02 8.62 -4.59
C ARG E 74 4.26 9.52 -5.55
N GLY E 75 5.00 10.10 -6.49
CA GLY E 75 4.46 11.01 -7.51
C GLY E 75 2.95 11.04 -7.73
N GLY E 76 2.46 10.18 -8.62
CA GLY E 76 1.03 10.15 -8.88
C GLY E 76 0.64 9.87 -10.32
N GLY F 1 39.68 3.45 -11.16
CA GLY F 1 40.28 4.69 -10.57
C GLY F 1 39.78 4.95 -9.16
N PRO F 2 40.24 6.03 -8.51
CA PRO F 2 39.84 6.40 -7.15
C PRO F 2 38.33 6.54 -6.94
N LEU F 3 37.62 6.88 -8.00
CA LEU F 3 36.18 7.04 -7.94
C LEU F 3 35.53 5.80 -8.57
N GLY F 4 36.36 4.79 -8.79
CA GLY F 4 35.90 3.55 -9.36
C GLY F 4 36.17 3.40 -10.85
N SER F 5 36.42 2.17 -11.27
CA SER F 5 36.69 1.88 -12.67
C SER F 5 35.36 1.83 -13.41
N GLU F 6 35.41 1.72 -14.73
CA GLU F 6 34.16 1.62 -15.49
C GLU F 6 33.33 0.42 -15.01
N GLU F 7 33.99 -0.72 -14.78
CA GLU F 7 33.29 -1.91 -14.32
C GLU F 7 32.62 -1.69 -12.97
N GLU F 8 33.40 -1.21 -12.01
CA GLU F 8 32.88 -0.96 -10.66
C GLU F 8 31.68 -0.01 -10.68
N GLN F 9 31.80 1.10 -11.40
CA GLN F 9 30.69 2.04 -11.47
C GLN F 9 29.42 1.42 -12.07
N PHE F 10 29.56 0.60 -13.10
CA PHE F 10 28.41 -0.04 -13.72
C PHE F 10 27.78 -1.00 -12.72
N ALA F 11 28.62 -1.75 -12.02
CA ALA F 11 28.14 -2.69 -11.03
C ALA F 11 27.41 -1.93 -9.93
N LEU F 12 27.97 -0.82 -9.50
CA LEU F 12 27.34 -0.03 -8.45
C LEU F 12 25.98 0.50 -8.91
N ALA F 13 25.94 0.98 -10.15
CA ALA F 13 24.71 1.52 -10.70
C ALA F 13 23.62 0.46 -10.77
N LEU F 14 24.00 -0.78 -11.08
CA LEU F 14 23.02 -1.86 -11.17
C LEU F 14 22.41 -2.07 -9.79
N LYS F 15 23.28 -2.16 -8.79
CA LYS F 15 22.86 -2.36 -7.42
C LYS F 15 21.91 -1.25 -6.99
N MET F 16 22.36 0.00 -7.03
CA MET F 16 21.53 1.12 -6.64
C MET F 16 20.19 1.14 -7.36
N SER F 17 20.19 0.74 -8.61
CA SER F 17 18.95 0.70 -9.40
C SER F 17 18.01 -0.37 -8.88
N GLU F 18 18.56 -1.47 -8.40
CA GLU F 18 17.76 -2.55 -7.86
C GLU F 18 17.14 -2.14 -6.54
N GLN F 19 17.92 -1.43 -5.73
CA GLN F 19 17.47 -0.97 -4.44
C GLN F 19 16.35 0.04 -4.59
N GLU F 20 16.48 0.88 -5.61
CA GLU F 20 15.49 1.93 -5.88
C GLU F 20 14.18 1.25 -6.25
N ALA F 21 14.27 0.18 -7.02
CA ALA F 21 13.09 -0.58 -7.44
C ALA F 21 12.40 -1.24 -6.24
N ARG F 22 13.18 -1.74 -5.28
CA ARG F 22 12.60 -2.37 -4.09
C ARG F 22 11.87 -1.30 -3.28
N GLU F 23 12.54 -0.17 -3.09
CA GLU F 23 11.96 0.92 -2.32
C GLU F 23 10.67 1.42 -2.96
N VAL F 24 10.65 1.46 -4.28
CA VAL F 24 9.48 1.91 -5.00
C VAL F 24 8.33 0.94 -4.75
N ASN F 25 8.62 -0.35 -4.90
CA ASN F 25 7.61 -1.37 -4.66
C ASN F 25 7.09 -1.33 -3.22
N ASN F 26 7.98 -1.16 -2.26
CA ASN F 26 7.57 -1.10 -0.87
C ASN F 26 6.70 0.14 -0.64
N GLN F 27 7.05 1.22 -1.33
CA GLN F 27 6.34 2.49 -1.23
C GLN F 27 4.94 2.39 -1.83
N GLU F 28 4.82 1.60 -2.90
CA GLU F 28 3.55 1.43 -3.59
C GLU F 28 2.57 0.55 -2.83
N GLU F 29 3.06 -0.56 -2.27
CA GLU F 29 2.21 -1.46 -1.53
C GLU F 29 1.75 -0.79 -0.22
N LYS F 30 2.62 0.00 0.36
CA LYS F 30 2.28 0.71 1.59
C LYS F 30 1.17 1.72 1.31
N GLU F 31 1.18 2.32 0.12
CA GLU F 31 0.16 3.31 -0.23
C GLU F 31 -1.16 2.66 -0.60
N GLU F 32 -1.12 1.53 -1.30
CA GLU F 32 -2.37 0.86 -1.64
C GLU F 32 -2.99 0.30 -0.36
N GLU F 33 -2.15 0.09 0.65
CA GLU F 33 -2.61 -0.40 1.94
C GLU F 33 -3.34 0.69 2.69
N LEU F 34 -2.79 1.90 2.65
CA LEU F 34 -3.40 3.04 3.33
C LEU F 34 -4.73 3.33 2.67
N LEU F 35 -4.76 3.17 1.35
CA LEU F 35 -5.94 3.41 0.55
C LEU F 35 -7.08 2.49 0.99
N ARG F 36 -6.77 1.21 1.15
CA ARG F 36 -7.76 0.23 1.58
C ARG F 36 -8.32 0.58 2.95
N LYS F 37 -7.47 1.06 3.85
CA LYS F 37 -7.89 1.44 5.19
C LYS F 37 -8.85 2.62 5.13
N ALA F 38 -8.50 3.62 4.31
CA ALA F 38 -9.33 4.81 4.14
C ALA F 38 -10.67 4.42 3.51
N ILE F 39 -10.62 3.49 2.57
CA ILE F 39 -11.85 3.03 1.90
C ILE F 39 -12.78 2.39 2.92
N ALA F 40 -12.26 1.50 3.75
CA ALA F 40 -13.06 0.81 4.75
C ALA F 40 -13.55 1.79 5.81
N GLU F 41 -12.69 2.76 6.14
CA GLU F 41 -13.02 3.77 7.13
C GLU F 41 -14.18 4.61 6.64
N SER F 42 -14.14 4.97 5.35
CA SER F 42 -15.17 5.80 4.75
C SER F 42 -16.52 5.10 4.69
N LEU F 43 -16.53 3.80 4.98
CA LEU F 43 -17.78 3.06 4.94
C LEU F 43 -18.33 2.68 6.30
N ASN F 44 -17.68 3.13 7.36
CA ASN F 44 -18.15 2.84 8.70
C ASN F 44 -19.15 3.92 9.08
N SER F 45 -19.15 5.00 8.31
CA SER F 45 -20.06 6.12 8.54
C SER F 45 -20.62 6.62 7.22
#